data_3OYW
#
_entry.id   3OYW
#
_cell.length_a   44.368
_cell.length_b   58.367
_cell.length_c   111.793
_cell.angle_alpha   90.00
_cell.angle_beta   90.00
_cell.angle_gamma   90.00
#
_symmetry.space_group_name_H-M   'P 21 21 21'
#
loop_
_entity.id
_entity.type
_entity.pdbx_description
1 polymer Galectin-1
2 polymer Galectin-1
3 branched beta-D-galactopyranose-(1-1)-1-thio-beta-D-galactopyranose
4 water water
#
loop_
_entity_poly.entity_id
_entity_poly.type
_entity_poly.pdbx_seq_one_letter_code
_entity_poly.pdbx_strand_id
1 'polypeptide(L)'
;ACGLVASNLNLKPGE(CSO)LRVRGEVAPDAKSFVLNLGKDSNNLCLHFNPRFNAHGDANTIVCNSKDGGAWGTEQREAV
FPFQPGSVAEV(CSO)ITFDQANLTVKLPDGYEFKFPNRLNLEAINYMAADGDFKIK(CME)VAFD
;
A
2 'polypeptide(L)'
;ACGLVASNLNLKPGE(CSO)LRVRGEVAPDAKSFVLNLGKDSNNLCLHFNPRFNAHGDANTIVCNSKDGGAWGTEQREAV
FPFQPGSVAEV(CME)ITFDQANLTVKLPDGYEFKFPNRLNLEAINYMAADGDFKIK(CME)VAFD
;
B
#
loop_
_chem_comp.id
_chem_comp.type
_chem_comp.name
_chem_comp.formula
GAL D-saccharide, beta linking beta-D-galactopyranose 'C6 H12 O6'
YIO D-saccharide, beta linking 1-thio-beta-D-galactopyranose 'C6 H12 O5 S'
#
# COMPACT_ATOMS: atom_id res chain seq x y z
N ALA A 1 11.62 4.65 7.94
CA ALA A 1 11.51 4.11 6.56
C ALA A 1 11.51 5.24 5.53
N CYS A 2 12.40 5.13 4.55
CA CYS A 2 12.39 6.02 3.38
C CYS A 2 11.43 5.44 2.34
N GLY A 3 11.11 4.15 2.49
CA GLY A 3 10.20 3.44 1.60
C GLY A 3 8.79 3.36 2.12
N LEU A 4 7.94 2.66 1.35
CA LEU A 4 6.51 2.55 1.62
C LEU A 4 6.11 2.14 3.05
N VAL A 5 5.18 2.89 3.63
CA VAL A 5 4.62 2.56 4.93
C VAL A 5 3.10 2.40 4.78
N ALA A 6 2.59 1.25 5.18
CA ALA A 6 1.16 0.99 5.08
C ALA A 6 0.52 0.64 6.44
N SER A 7 -0.58 1.30 6.77
CA SER A 7 -1.33 0.95 7.97
C SER A 7 -2.79 0.68 7.67
N ASN A 8 -3.49 0.13 8.68
CA ASN A 8 -4.86 -0.38 8.53
C ASN A 8 -4.95 -1.47 7.47
N LEU A 9 -3.90 -2.28 7.38
CA LEU A 9 -3.87 -3.40 6.44
C LEU A 9 -5.02 -4.37 6.70
N ASN A 10 -5.27 -4.62 7.99
CA ASN A 10 -6.30 -5.56 8.43
C ASN A 10 -6.14 -6.96 7.86
N LEU A 11 -4.89 -7.42 7.80
CA LEU A 11 -4.56 -8.75 7.32
C LEU A 11 -4.90 -9.78 8.40
N LYS A 12 -5.95 -10.56 8.16
CA LYS A 12 -6.39 -11.57 9.12
C LYS A 12 -5.67 -12.90 8.85
N PRO A 13 -5.72 -13.85 9.82
CA PRO A 13 -5.06 -15.14 9.63
C PRO A 13 -5.59 -15.91 8.41
N GLY A 14 -4.69 -16.63 7.73
CA GLY A 14 -5.02 -17.33 6.50
C GLY A 14 -5.02 -16.44 5.26
N GLU A 15 -4.97 -15.13 5.44
CA GLU A 15 -4.88 -14.20 4.30
C GLU A 15 -3.42 -14.02 3.87
N CSO A 16 -3.22 -13.66 2.61
CA CSO A 16 -1.87 -13.71 2.04
CB CSO A 16 -1.81 -14.79 0.95
SG CSO A 16 -0.34 -14.64 -0.07
C CSO A 16 -1.44 -12.33 1.52
O CSO A 16 -2.18 -11.67 0.78
OD CSO A 16 0.99 -15.56 0.68
N LEU A 17 -0.25 -11.90 1.94
CA LEU A 17 0.26 -10.62 1.49
C LEU A 17 1.36 -10.85 0.47
N ARG A 18 1.15 -10.30 -0.72
CA ARG A 18 2.08 -10.43 -1.84
C ARG A 18 2.73 -9.08 -2.12
N VAL A 19 4.05 -9.07 -2.03
CA VAL A 19 4.86 -7.88 -2.31
C VAL A 19 5.83 -8.15 -3.46
N ARG A 20 5.79 -7.30 -4.49
CA ARG A 20 6.76 -7.37 -5.58
C ARG A 20 7.51 -6.07 -5.69
N GLY A 21 8.83 -6.16 -5.82
CA GLY A 21 9.68 -4.97 -5.96
C GLY A 21 11.00 -5.24 -6.65
N GLU A 22 11.69 -4.17 -7.03
CA GLU A 22 13.00 -4.25 -7.66
C GLU A 22 14.10 -4.10 -6.62
N VAL A 23 15.00 -5.09 -6.58
CA VAL A 23 16.21 -5.00 -5.79
C VAL A 23 17.20 -4.18 -6.61
N ALA A 24 17.73 -3.11 -6.01
CA ALA A 24 18.71 -2.24 -6.67
C ALA A 24 19.93 -3.04 -7.16
N PRO A 25 20.58 -2.59 -8.24
CA PRO A 25 21.78 -3.30 -8.72
C PRO A 25 22.94 -3.35 -7.71
N ASP A 26 23.02 -2.38 -6.81
CA ASP A 26 24.07 -2.31 -5.80
C ASP A 26 23.52 -2.45 -4.38
N ALA A 27 22.45 -3.23 -4.25
CA ALA A 27 21.79 -3.48 -2.99
C ALA A 27 22.75 -4.01 -1.93
N LYS A 28 22.66 -3.45 -0.73
CA LYS A 28 23.39 -4.00 0.41
C LYS A 28 22.45 -4.81 1.30
N SER A 29 21.20 -4.33 1.39
CA SER A 29 20.15 -5.01 2.13
C SER A 29 18.82 -4.30 1.95
N PHE A 30 17.72 -4.98 2.27
CA PHE A 30 16.41 -4.36 2.36
C PHE A 30 15.56 -4.98 3.48
N VAL A 31 14.42 -4.37 3.78
CA VAL A 31 13.66 -4.67 4.99
C VAL A 31 12.17 -4.69 4.72
N LEU A 32 11.51 -5.78 5.12
CA LEU A 32 10.04 -5.75 5.27
C LEU A 32 9.71 -5.93 6.73
N ASN A 33 8.98 -4.97 7.28
CA ASN A 33 8.50 -5.04 8.65
C ASN A 33 7.00 -5.20 8.67
N LEU A 34 6.52 -6.16 9.47
CA LEU A 34 5.09 -6.38 9.61
C LEU A 34 4.73 -6.43 11.07
N GLY A 35 3.59 -5.84 11.43
CA GLY A 35 3.08 -5.94 12.79
C GLY A 35 1.93 -5.00 13.07
N LYS A 36 1.99 -4.38 14.25
CA LYS A 36 0.97 -3.47 14.73
C LYS A 36 1.35 -2.01 14.49
N ASP A 37 2.62 -1.70 14.74
CA ASP A 37 3.17 -0.37 14.49
C ASP A 37 4.69 -0.50 14.50
N SER A 38 5.39 0.63 14.41
CA SER A 38 6.85 0.64 14.28
C SER A 38 7.55 -0.02 15.45
N ASN A 39 6.88 -0.10 16.61
CA ASN A 39 7.48 -0.64 17.83
C ASN A 39 7.11 -2.10 18.08
N ASN A 40 6.08 -2.56 17.41
CA ASN A 40 5.55 -3.88 17.63
C ASN A 40 5.44 -4.67 16.34
N LEU A 41 6.48 -5.45 16.06
CA LEU A 41 6.61 -6.17 14.80
C LEU A 41 6.60 -7.67 15.03
N CYS A 42 5.70 -8.36 14.34
CA CYS A 42 5.68 -9.81 14.40
C CYS A 42 6.72 -10.39 13.43
N LEU A 43 7.14 -9.57 12.48
CA LEU A 43 8.18 -9.98 11.53
C LEU A 43 9.02 -8.82 11.00
N HIS A 44 10.32 -8.93 11.22
CA HIS A 44 11.30 -8.04 10.62
C HIS A 44 12.10 -8.96 9.68
N PHE A 45 11.87 -8.80 8.37
CA PHE A 45 12.44 -9.65 7.34
C PHE A 45 13.53 -8.87 6.67
N ASN A 46 14.77 -9.31 6.84
CA ASN A 46 15.91 -8.49 6.45
C ASN A 46 16.97 -9.26 5.65
N PRO A 47 16.77 -9.40 4.32
CA PRO A 47 17.79 -10.03 3.48
C PRO A 47 19.00 -9.13 3.41
N ARG A 48 20.15 -9.68 3.82
CA ARG A 48 21.39 -8.92 3.82
C ARG A 48 22.34 -9.43 2.73
N PHE A 49 22.52 -8.63 1.68
CA PHE A 49 23.48 -8.95 0.62
C PHE A 49 24.87 -8.74 1.20
N ASN A 50 25.09 -7.53 1.69
CA ASN A 50 26.31 -7.17 2.38
C ASN A 50 26.02 -6.07 3.40
N ALA A 51 25.77 -6.47 4.65
CA ALA A 51 25.47 -5.55 5.74
C ALA A 51 25.66 -6.21 7.09
N HIS A 52 26.15 -5.41 8.06
CA HIS A 52 26.42 -5.86 9.45
C HIS A 52 27.36 -7.06 9.54
N GLY A 53 28.32 -7.15 8.61
CA GLY A 53 29.25 -8.27 8.57
C GLY A 53 28.75 -9.43 7.71
N ASP A 54 27.44 -9.63 7.69
CA ASP A 54 26.79 -10.73 6.97
C ASP A 54 26.82 -10.60 5.45
N ALA A 55 26.87 -11.75 4.78
CA ALA A 55 26.86 -11.81 3.33
C ALA A 55 25.83 -12.84 2.89
N ASN A 56 24.98 -12.45 1.94
CA ASN A 56 23.93 -13.32 1.42
C ASN A 56 23.20 -14.15 2.49
N THR A 57 22.62 -13.44 3.45
CA THR A 57 21.92 -14.07 4.57
C THR A 57 20.59 -13.37 4.82
N ILE A 58 19.56 -14.16 5.07
CA ILE A 58 18.27 -13.63 5.52
C ILE A 58 18.23 -13.61 7.05
N VAL A 59 18.02 -12.42 7.62
CA VAL A 59 17.96 -12.24 9.05
C VAL A 59 16.53 -11.88 9.44
N CYS A 60 15.95 -12.68 10.33
CA CYS A 60 14.58 -12.48 10.81
C CYS A 60 14.54 -12.22 12.30
N ASN A 61 13.67 -11.31 12.71
CA ASN A 61 13.48 -11.03 14.13
C ASN A 61 12.09 -10.48 14.40
N SER A 62 11.82 -10.23 15.68
CA SER A 62 10.61 -9.54 16.09
C SER A 62 10.99 -8.38 16.99
N LYS A 63 10.01 -7.54 17.29
CA LYS A 63 10.17 -6.38 18.14
C LYS A 63 8.90 -6.29 18.98
N ASP A 64 9.08 -6.25 20.29
CA ASP A 64 7.96 -6.20 21.22
C ASP A 64 8.14 -5.02 22.16
N GLY A 65 7.18 -4.12 22.15
CA GLY A 65 7.30 -2.87 22.91
C GLY A 65 8.65 -2.20 22.76
N GLY A 66 9.19 -2.20 21.53
CA GLY A 66 10.44 -1.51 21.23
C GLY A 66 11.70 -2.37 21.32
N ALA A 67 11.58 -3.56 21.92
CA ALA A 67 12.73 -4.45 22.12
C ALA A 67 12.81 -5.60 21.09
N TRP A 68 13.97 -5.68 20.44
CA TRP A 68 14.31 -6.77 19.54
C TRP A 68 14.24 -8.12 20.24
N GLY A 69 13.68 -9.12 19.56
CA GLY A 69 13.64 -10.49 20.09
C GLY A 69 14.94 -11.23 19.76
N THR A 70 14.92 -12.54 19.97
CA THR A 70 15.98 -13.44 19.52
C THR A 70 16.01 -13.54 18.00
N GLU A 71 17.19 -13.31 17.43
CA GLU A 71 17.41 -13.28 15.99
C GLU A 71 17.52 -14.69 15.40
N GLN A 72 16.97 -14.87 14.19
CA GLN A 72 17.09 -16.12 13.43
C GLN A 72 17.61 -15.90 12.01
N ARG A 73 18.49 -16.79 11.58
CA ARG A 73 18.99 -16.74 10.21
C ARG A 73 18.51 -17.91 9.37
N GLU A 74 18.12 -17.62 8.14
CA GLU A 74 17.74 -18.68 7.21
C GLU A 74 18.97 -19.11 6.42
N ALA A 75 18.87 -20.27 5.77
CA ALA A 75 20.02 -20.86 5.06
C ALA A 75 20.02 -20.61 3.54
N VAL A 76 18.88 -20.20 2.98
CA VAL A 76 18.79 -19.96 1.55
C VAL A 76 18.80 -18.46 1.23
N PHE A 77 19.29 -18.11 0.06
CA PHE A 77 19.31 -16.73 -0.37
C PHE A 77 18.96 -16.63 -1.86
N PRO A 78 17.66 -16.68 -2.20
CA PRO A 78 17.21 -16.62 -3.59
C PRO A 78 17.00 -15.20 -4.12
N PHE A 79 17.87 -14.28 -3.73
CA PHE A 79 17.78 -12.91 -4.21
C PHE A 79 19.04 -12.56 -4.94
N GLN A 80 18.89 -11.80 -6.03
CA GLN A 80 20.05 -11.28 -6.73
C GLN A 80 19.85 -9.81 -6.99
N PRO A 81 20.91 -9.00 -6.77
CA PRO A 81 20.79 -7.56 -6.99
C PRO A 81 20.44 -7.28 -8.45
N GLY A 82 19.74 -6.19 -8.70
CA GLY A 82 19.36 -5.81 -10.06
C GLY A 82 18.21 -6.59 -10.68
N SER A 83 17.43 -7.30 -9.86
CA SER A 83 16.29 -8.06 -10.36
C SER A 83 14.98 -7.81 -9.58
N VAL A 84 13.89 -8.30 -10.15
CA VAL A 84 12.56 -8.17 -9.56
C VAL A 84 12.29 -9.43 -8.70
N ALA A 85 11.83 -9.23 -7.47
CA ALA A 85 11.52 -10.36 -6.60
C ALA A 85 10.16 -10.21 -5.94
N GLU A 86 9.49 -11.34 -5.78
CA GLU A 86 8.21 -11.38 -5.12
C GLU A 86 8.32 -12.23 -3.86
N VAL A 87 7.72 -11.74 -2.78
CA VAL A 87 7.66 -12.52 -1.55
C VAL A 87 6.22 -12.50 -1.04
N CSO A 88 5.77 -13.65 -0.56
CA CSO A 88 4.41 -13.77 -0.02
CB CSO A 88 3.54 -14.75 -0.85
SG CSO A 88 3.80 -14.61 -2.64
C CSO A 88 4.44 -14.17 1.44
O CSO A 88 5.19 -15.07 1.84
OD CSO A 88 4.49 -16.13 -3.30
N ILE A 89 3.63 -13.47 2.22
CA ILE A 89 3.51 -13.72 3.65
C ILE A 89 2.07 -14.02 4.03
N THR A 90 1.90 -15.10 4.77
CA THR A 90 0.63 -15.42 5.39
C THR A 90 0.92 -15.74 6.86
N PHE A 91 -0.10 -15.63 7.71
CA PHE A 91 0.12 -15.92 9.13
C PHE A 91 -1.05 -16.58 9.82
N ASP A 92 -0.75 -17.31 10.90
CA ASP A 92 -1.74 -17.71 11.90
C ASP A 92 -1.24 -17.33 13.30
N GLN A 93 -1.97 -17.77 14.33
CA GLN A 93 -1.65 -17.45 15.72
CA GLN A 93 -1.66 -17.48 15.72
C GLN A 93 -0.29 -18.01 16.17
N ALA A 94 0.16 -19.09 15.54
CA ALA A 94 1.42 -19.72 15.92
C ALA A 94 2.65 -19.27 15.09
N ASN A 95 2.46 -19.12 13.78
CA ASN A 95 3.57 -18.85 12.85
C ASN A 95 3.23 -17.86 11.74
N LEU A 96 4.26 -17.22 11.21
CA LEU A 96 4.18 -16.60 9.90
C LEU A 96 4.85 -17.53 8.92
N THR A 97 4.29 -17.63 7.72
CA THR A 97 4.90 -18.41 6.66
C THR A 97 5.35 -17.47 5.56
N VAL A 98 6.65 -17.51 5.28
CA VAL A 98 7.25 -16.68 4.26
C VAL A 98 7.60 -17.53 3.03
N LYS A 99 6.95 -17.25 1.91
CA LYS A 99 7.29 -17.89 0.64
C LYS A 99 8.18 -17.02 -0.25
N LEU A 100 9.36 -17.55 -0.58
CA LEU A 100 10.40 -16.84 -1.34
C LEU A 100 10.39 -17.19 -2.84
N PRO A 101 11.11 -16.42 -3.68
CA PRO A 101 11.29 -16.85 -5.06
C PRO A 101 12.03 -18.20 -5.10
N ASP A 102 11.95 -18.87 -6.24
CA ASP A 102 12.60 -20.18 -6.39
C ASP A 102 12.04 -21.21 -5.41
N GLY A 103 10.80 -20.97 -4.96
CA GLY A 103 10.01 -21.97 -4.26
C GLY A 103 10.20 -22.11 -2.76
N TYR A 104 11.27 -21.55 -2.21
CA TYR A 104 11.58 -21.79 -0.81
C TYR A 104 10.60 -21.16 0.18
N GLU A 105 10.30 -21.92 1.23
CA GLU A 105 9.27 -21.58 2.18
C GLU A 105 9.81 -21.86 3.58
N PHE A 106 9.66 -20.89 4.50
CA PHE A 106 10.06 -21.09 5.89
C PHE A 106 9.08 -20.49 6.89
N LYS A 107 9.09 -21.02 8.11
CA LYS A 107 8.23 -20.51 9.13
C LYS A 107 9.00 -19.67 10.15
N PHE A 108 8.34 -18.65 10.66
CA PHE A 108 8.88 -17.84 11.74
C PHE A 108 7.81 -17.76 12.84
N PRO A 109 8.20 -18.01 14.11
CA PRO A 109 7.19 -18.00 15.18
C PRO A 109 6.57 -16.62 15.37
N ASN A 110 5.26 -16.57 15.52
CA ASN A 110 4.55 -15.32 15.80
C ASN A 110 4.59 -15.07 17.31
N ARG A 111 5.45 -14.15 17.75
CA ARG A 111 5.77 -13.98 19.17
C ARG A 111 4.89 -12.96 19.89
N LEU A 112 4.02 -12.32 19.14
CA LEU A 112 3.13 -11.32 19.69
C LEU A 112 1.71 -11.89 19.77
N ASN A 113 0.81 -11.18 20.44
CA ASN A 113 -0.57 -11.65 20.54
C ASN A 113 -1.45 -10.83 19.61
N LEU A 114 -1.31 -11.11 18.31
CA LEU A 114 -1.93 -10.29 17.27
C LEU A 114 -3.07 -11.00 16.56
N GLU A 115 -4.24 -10.38 16.60
CA GLU A 115 -5.40 -10.81 15.82
C GLU A 115 -5.14 -10.59 14.33
N ALA A 116 -4.68 -9.39 14.00
CA ALA A 116 -4.48 -8.99 12.62
C ALA A 116 -3.18 -8.20 12.48
N ILE A 117 -2.60 -8.25 11.28
CA ILE A 117 -1.47 -7.40 10.93
C ILE A 117 -1.99 -6.10 10.30
N ASN A 118 -1.67 -4.97 10.93
CA ASN A 118 -2.18 -3.67 10.49
C ASN A 118 -1.12 -2.74 9.93
N TYR A 119 0.14 -3.16 9.99
CA TYR A 119 1.24 -2.27 9.68
C TYR A 119 2.32 -2.99 8.85
N MET A 120 2.75 -2.32 7.78
CA MET A 120 3.82 -2.82 6.93
C MET A 120 4.72 -1.66 6.55
N ALA A 121 6.01 -1.85 6.69
CA ALA A 121 6.99 -0.86 6.22
C ALA A 121 8.05 -1.56 5.40
N ALA A 122 8.41 -0.93 4.28
CA ALA A 122 9.54 -1.35 3.47
C ALA A 122 10.66 -0.34 3.64
N ASP A 123 11.90 -0.83 3.50
CA ASP A 123 13.07 0.01 3.66
C ASP A 123 14.31 -0.62 3.02
N GLY A 124 15.29 0.21 2.69
CA GLY A 124 16.53 -0.26 2.08
C GLY A 124 16.45 -0.33 0.56
N ASP A 125 17.19 -1.26 -0.02
CA ASP A 125 17.39 -1.24 -1.46
C ASP A 125 16.36 -2.08 -2.22
N PHE A 126 15.08 -1.81 -1.91
CA PHE A 126 13.96 -2.52 -2.48
C PHE A 126 12.93 -1.46 -2.82
N LYS A 127 12.48 -1.47 -4.07
CA LYS A 127 11.48 -0.51 -4.56
C LYS A 127 10.20 -1.27 -4.89
N ILE A 128 9.13 -1.01 -4.13
CA ILE A 128 7.85 -1.72 -4.29
C ILE A 128 7.17 -1.38 -5.61
N LYS A 129 6.82 -2.40 -6.38
CA LYS A 129 6.06 -2.22 -7.62
C LYS A 129 4.58 -2.53 -7.43
N CME A 130 4.30 -3.56 -6.61
CA CME A 130 2.93 -4.05 -6.44
CB CME A 130 2.66 -5.03 -7.59
SG CME A 130 1.29 -6.12 -7.33
SD CME A 130 2.04 -7.65 -6.23
CE CME A 130 1.34 -9.26 -6.36
CZ CME A 130 2.07 -10.04 -7.44
OH CME A 130 1.34 -9.89 -8.66
C CME A 130 2.74 -4.65 -5.07
O CME A 130 3.60 -5.35 -4.56
N VAL A 131 1.58 -4.37 -4.48
CA VAL A 131 1.17 -4.95 -3.21
C VAL A 131 -0.25 -5.50 -3.36
N ALA A 132 -0.44 -6.76 -3.00
CA ALA A 132 -1.75 -7.38 -3.12
C ALA A 132 -2.12 -8.23 -1.91
N PHE A 133 -3.43 -8.38 -1.71
CA PHE A 133 -4.01 -9.18 -0.63
C PHE A 133 -4.79 -10.34 -1.24
N ASP A 134 -4.12 -11.49 -1.34
CA ASP A 134 -4.63 -12.72 -1.99
C ASP A 134 -4.57 -12.65 -3.51
N ALA B 1 -9.20 7.67 7.48
CA ALA B 1 -8.59 7.01 8.67
C ALA B 1 -9.44 5.82 9.14
N CYS B 2 -9.73 4.91 8.22
CA CYS B 2 -10.41 3.65 8.54
C CYS B 2 -10.02 2.52 7.60
N GLY B 3 -9.94 2.82 6.30
CA GLY B 3 -9.41 1.88 5.31
C GLY B 3 -7.90 2.06 5.17
N LEU B 4 -7.32 1.39 4.18
CA LEU B 4 -5.87 1.41 3.99
C LEU B 4 -5.25 2.81 3.87
N VAL B 5 -4.17 3.03 4.61
CA VAL B 5 -3.41 4.27 4.54
C VAL B 5 -1.98 3.95 4.11
N ALA B 6 -1.49 4.62 3.08
CA ALA B 6 -0.10 4.44 2.65
C ALA B 6 0.61 5.77 2.53
N SER B 7 1.81 5.84 3.10
CA SER B 7 2.66 7.01 2.96
C SER B 7 4.00 6.64 2.33
N ASN B 8 4.76 7.66 1.91
CA ASN B 8 6.02 7.49 1.19
C ASN B 8 5.82 6.79 -0.16
N LEU B 9 4.68 7.06 -0.79
CA LEU B 9 4.37 6.51 -2.10
C LEU B 9 5.42 6.93 -3.13
N ASN B 10 5.82 8.20 -3.07
CA ASN B 10 6.84 8.75 -3.97
C ASN B 10 6.40 8.63 -5.43
N LEU B 11 5.12 8.87 -5.67
CA LEU B 11 4.58 8.86 -7.02
C LEU B 11 5.05 10.13 -7.73
N LYS B 12 5.66 9.95 -8.89
CA LYS B 12 6.19 11.05 -9.69
C LYS B 12 5.31 11.33 -10.89
N PRO B 13 5.39 12.55 -11.47
CA PRO B 13 4.57 12.86 -12.64
C PRO B 13 4.87 11.90 -13.77
N GLY B 14 3.82 11.45 -14.47
CA GLY B 14 3.97 10.47 -15.54
C GLY B 14 3.85 9.02 -15.12
N GLU B 15 4.08 8.73 -13.84
CA GLU B 15 3.88 7.37 -13.32
C GLU B 15 2.40 7.07 -13.13
N CSO B 16 2.03 5.81 -13.25
CA CSO B 16 0.63 5.47 -13.15
CB CSO B 16 0.22 4.61 -14.34
SG CSO B 16 -1.52 4.20 -14.26
C CSO B 16 0.41 4.75 -11.82
O CSO B 16 1.18 3.85 -11.46
OD CSO B 16 -2.47 5.54 -15.01
N LEU B 17 -0.61 5.17 -11.09
CA LEU B 17 -1.02 4.49 -9.86
C LEU B 17 -2.26 3.66 -10.18
N ARG B 18 -2.16 2.34 -10.00
CA ARG B 18 -3.30 1.44 -10.22
C ARG B 18 -3.82 0.89 -8.91
N VAL B 19 -5.12 1.04 -8.70
CA VAL B 19 -5.78 0.60 -7.50
C VAL B 19 -6.97 -0.29 -7.88
N ARG B 20 -6.96 -1.54 -7.38
N ARG B 20 -6.97 -1.52 -7.36
CA ARG B 20 -8.10 -2.42 -7.53
CA ARG B 20 -8.07 -2.45 -7.52
C ARG B 20 -8.68 -2.74 -6.17
C ARG B 20 -8.68 -2.77 -6.16
N GLY B 21 -10.00 -2.65 -6.05
CA GLY B 21 -10.70 -2.94 -4.81
C GLY B 21 -12.13 -3.42 -5.00
N GLU B 22 -12.72 -3.91 -3.92
CA GLU B 22 -14.09 -4.39 -3.95
C GLU B 22 -15.01 -3.30 -3.43
N VAL B 23 -16.01 -2.96 -4.23
CA VAL B 23 -17.09 -2.08 -3.78
C VAL B 23 -18.11 -2.93 -3.01
N ALA B 24 -18.39 -2.56 -1.76
CA ALA B 24 -19.40 -3.24 -0.93
C ALA B 24 -20.75 -3.42 -1.65
N PRO B 25 -21.48 -4.52 -1.35
CA PRO B 25 -22.78 -4.75 -1.99
C PRO B 25 -23.81 -3.71 -1.57
N ASP B 26 -23.67 -3.18 -0.36
CA ASP B 26 -24.56 -2.14 0.15
C ASP B 26 -23.84 -0.78 0.22
N ALA B 27 -23.08 -0.47 -0.84
CA ALA B 27 -22.25 0.74 -0.90
C ALA B 27 -23.07 2.02 -0.98
N LYS B 28 -22.78 2.95 -0.06
CA LYS B 28 -23.35 4.29 -0.08
C LYS B 28 -22.37 5.28 -0.69
N SER B 29 -21.11 5.20 -0.25
CA SER B 29 -20.03 6.04 -0.79
C SER B 29 -18.68 5.42 -0.47
N PHE B 30 -17.68 5.75 -1.29
CA PHE B 30 -16.30 5.49 -0.91
C PHE B 30 -15.36 6.66 -1.23
N VAL B 31 -14.15 6.59 -0.67
CA VAL B 31 -13.21 7.70 -0.73
C VAL B 31 -11.81 7.21 -1.08
N LEU B 32 -11.22 7.84 -2.09
CA LEU B 32 -9.77 7.71 -2.31
C LEU B 32 -9.16 9.10 -2.11
N ASN B 33 -8.20 9.19 -1.20
CA ASN B 33 -7.49 10.44 -0.93
C ASN B 33 -6.04 10.36 -1.36
N LEU B 34 -5.61 11.38 -2.11
CA LEU B 34 -4.23 11.45 -2.56
C LEU B 34 -3.65 12.82 -2.27
N GLY B 35 -2.38 12.83 -1.89
CA GLY B 35 -1.66 14.08 -1.75
C GLY B 35 -0.37 13.93 -1.01
N LYS B 36 -0.10 14.91 -0.14
CA LYS B 36 1.15 15.04 0.59
C LYS B 36 1.01 14.29 1.91
N ASP B 37 -0.10 14.56 2.60
CA ASP B 37 -0.45 13.95 3.86
C ASP B 37 -1.95 14.18 4.02
N SER B 38 -2.52 13.84 5.16
CA SER B 38 -3.98 13.90 5.34
C SER B 38 -4.58 15.31 5.31
N ASN B 39 -3.74 16.32 5.51
CA ASN B 39 -4.20 17.71 5.51
C ASN B 39 -4.00 18.42 4.18
N ASN B 40 -3.21 17.81 3.30
CA ASN B 40 -2.91 18.37 1.98
C ASN B 40 -3.19 17.36 0.86
N LEU B 41 -4.38 17.48 0.29
CA LEU B 41 -4.87 16.52 -0.68
C LEU B 41 -5.06 17.17 -2.04
N CYS B 42 -4.33 16.68 -3.05
CA CYS B 42 -4.54 17.15 -4.42
C CYS B 42 -5.82 16.51 -4.99
N LEU B 43 -6.15 15.31 -4.52
CA LEU B 43 -7.41 14.66 -4.91
C LEU B 43 -8.12 13.92 -3.78
N HIS B 44 -9.27 14.46 -3.40
CA HIS B 44 -10.26 13.73 -2.63
C HIS B 44 -11.29 13.21 -3.64
N PHE B 45 -11.29 11.90 -3.86
CA PHE B 45 -12.11 11.26 -4.90
C PHE B 45 -13.26 10.52 -4.21
N ASN B 46 -14.49 10.99 -4.42
CA ASN B 46 -15.62 10.51 -3.59
C ASN B 46 -16.90 10.15 -4.39
N PRO B 47 -16.92 8.95 -5.00
CA PRO B 47 -18.12 8.47 -5.64
C PRO B 47 -19.22 8.28 -4.61
N ARG B 48 -20.34 8.96 -4.83
CA ARG B 48 -21.51 8.85 -3.96
C ARG B 48 -22.63 8.10 -4.67
N PHE B 49 -22.86 6.85 -4.26
CA PHE B 49 -24.01 6.07 -4.72
C PHE B 49 -25.28 6.70 -4.18
N ASN B 50 -25.27 6.98 -2.88
CA ASN B 50 -26.40 7.56 -2.16
C ASN B 50 -25.89 8.08 -0.81
N ALA B 51 -25.48 9.34 -0.80
CA ALA B 51 -24.88 9.96 0.39
C ALA B 51 -24.92 11.49 0.25
N HIS B 52 -25.13 12.17 1.38
CA HIS B 52 -25.21 13.63 1.45
C HIS B 52 -26.24 14.24 0.48
N GLY B 53 -27.23 13.46 0.08
CA GLY B 53 -28.24 13.93 -0.89
C GLY B 53 -27.77 13.86 -2.33
N ASP B 54 -26.62 13.24 -2.55
CA ASP B 54 -26.13 12.94 -3.89
C ASP B 54 -26.41 11.49 -4.23
N ALA B 55 -26.92 11.26 -5.44
CA ALA B 55 -27.12 9.91 -5.96
C ALA B 55 -26.27 9.71 -7.21
N ASN B 56 -25.51 8.61 -7.24
CA ASN B 56 -24.67 8.24 -8.39
C ASN B 56 -23.89 9.41 -8.99
N THR B 57 -23.15 10.11 -8.14
CA THR B 57 -22.38 11.27 -8.54
C THR B 57 -20.99 11.16 -7.95
N ILE B 58 -19.96 11.42 -8.76
CA ILE B 58 -18.61 11.50 -8.24
C ILE B 58 -18.37 12.95 -7.83
N VAL B 59 -17.95 13.13 -6.58
CA VAL B 59 -17.58 14.42 -6.07
C VAL B 59 -16.07 14.44 -5.90
N CYS B 60 -15.44 15.48 -6.46
CA CYS B 60 -14.00 15.71 -6.30
C CYS B 60 -13.71 17.07 -5.64
N ASN B 61 -12.70 17.07 -4.78
CA ASN B 61 -12.27 18.29 -4.10
C ASN B 61 -10.79 18.18 -3.76
N SER B 62 -10.23 19.27 -3.24
CA SER B 62 -8.87 19.29 -2.68
C SER B 62 -8.94 19.72 -1.23
N LYS B 63 -7.79 19.65 -0.57
CA LYS B 63 -7.65 20.09 0.80
C LYS B 63 -6.30 20.77 0.90
N ASP B 64 -6.31 22.06 1.25
CA ASP B 64 -5.09 22.84 1.41
C ASP B 64 -4.88 23.19 2.87
N GLY B 65 -3.78 22.71 3.44
CA GLY B 65 -3.50 22.93 4.87
C GLY B 65 -4.73 22.78 5.76
N GLY B 66 -5.54 21.75 5.51
CA GLY B 66 -6.67 21.44 6.39
C GLY B 66 -8.02 21.97 5.95
N ALA B 67 -8.03 22.89 5.00
CA ALA B 67 -9.26 23.49 4.50
C ALA B 67 -9.67 22.90 3.14
N TRP B 68 -10.95 22.49 3.04
CA TRP B 68 -11.53 21.97 1.81
C TRP B 68 -11.60 23.07 0.75
N GLY B 69 -11.28 22.71 -0.49
CA GLY B 69 -11.48 23.64 -1.61
C GLY B 69 -12.91 23.55 -2.13
N THR B 70 -13.12 24.02 -3.36
CA THR B 70 -14.43 23.96 -4.02
C THR B 70 -14.69 22.61 -4.69
N GLU B 71 -15.89 22.09 -4.52
CA GLU B 71 -16.28 20.80 -5.10
C GLU B 71 -16.48 20.86 -6.61
N GLN B 72 -16.00 19.83 -7.31
CA GLN B 72 -16.36 19.60 -8.69
C GLN B 72 -17.14 18.30 -8.81
N ARG B 73 -18.20 18.35 -9.60
CA ARG B 73 -19.06 17.18 -9.81
C ARG B 73 -18.87 16.64 -11.21
N GLU B 74 -18.55 15.35 -11.30
CA GLU B 74 -18.36 14.69 -12.60
C GLU B 74 -19.67 14.37 -13.32
N ALA B 75 -19.56 14.11 -14.62
CA ALA B 75 -20.71 13.86 -15.47
C ALA B 75 -21.02 12.37 -15.57
N VAL B 76 -20.08 11.53 -15.15
CA VAL B 76 -20.19 10.08 -15.34
C VAL B 76 -20.13 9.29 -14.04
N PHE B 77 -20.76 8.11 -14.03
CA PHE B 77 -20.73 7.22 -12.89
C PHE B 77 -20.65 5.74 -13.29
N PRO B 78 -19.43 5.27 -13.63
CA PRO B 78 -19.25 3.87 -14.04
C PRO B 78 -19.07 2.87 -12.89
N PHE B 79 -19.64 3.17 -11.72
CA PHE B 79 -19.50 2.26 -10.58
C PHE B 79 -20.80 1.58 -10.20
N GLN B 80 -20.67 0.35 -9.72
CA GLN B 80 -21.81 -0.43 -9.26
C GLN B 80 -21.45 -1.12 -7.93
N PRO B 81 -22.40 -1.15 -6.97
CA PRO B 81 -22.13 -1.84 -5.71
C PRO B 81 -21.93 -3.34 -5.92
N GLY B 82 -21.17 -3.97 -5.03
CA GLY B 82 -20.88 -5.41 -5.12
C GLY B 82 -20.01 -5.85 -6.28
N SER B 83 -19.17 -4.95 -6.79
CA SER B 83 -18.32 -5.25 -7.95
C SER B 83 -16.86 -4.86 -7.73
N VAL B 84 -15.99 -5.42 -8.55
CA VAL B 84 -14.56 -5.10 -8.52
C VAL B 84 -14.24 -3.91 -9.43
N ALA B 85 -13.83 -2.79 -8.83
CA ALA B 85 -13.50 -1.57 -9.59
C ALA B 85 -11.99 -1.31 -9.62
N GLU B 86 -11.50 -0.90 -10.79
CA GLU B 86 -10.11 -0.47 -10.91
C GLU B 86 -10.03 1.00 -11.29
N VAL B 87 -9.13 1.72 -10.61
CA VAL B 87 -8.92 3.13 -10.85
C VAL B 87 -7.44 3.37 -11.14
N CME B 88 -7.17 4.12 -12.21
CA CME B 88 -5.80 4.53 -12.54
CB CME B 88 -5.30 4.04 -13.90
SG CME B 88 -5.52 2.30 -14.03
SD CME B 88 -6.72 2.01 -15.62
CE CME B 88 -8.43 1.74 -15.29
CZ CME B 88 -8.97 0.63 -16.18
OH CME B 88 -10.36 0.42 -15.94
C CME B 88 -5.66 6.02 -12.49
O CME B 88 -6.49 6.78 -13.04
N ILE B 89 -4.61 6.46 -11.81
CA ILE B 89 -4.38 7.88 -11.60
C ILE B 89 -2.95 8.20 -12.03
N THR B 90 -2.85 9.24 -12.84
CA THR B 90 -1.58 9.83 -13.17
C THR B 90 -1.70 11.36 -13.01
N PHE B 91 -0.58 12.05 -12.93
CA PHE B 91 -0.64 13.51 -12.79
C PHE B 91 0.54 14.21 -13.44
N ASP B 92 0.38 15.51 -13.67
CA ASP B 92 1.47 16.40 -14.10
C ASP B 92 1.28 17.73 -13.37
N GLN B 93 2.03 18.77 -13.75
N GLN B 93 2.03 18.76 -13.77
CA GLN B 93 2.00 20.05 -13.04
CA GLN B 93 2.03 20.09 -13.11
C GLN B 93 0.61 20.71 -12.97
C GLN B 93 0.64 20.71 -12.98
N ALA B 94 -0.17 20.58 -14.04
CA ALA B 94 -1.47 21.23 -14.13
C ALA B 94 -2.68 20.36 -13.74
N ASN B 95 -2.60 19.06 -14.00
CA ASN B 95 -3.76 18.18 -13.86
C ASN B 95 -3.49 16.80 -13.29
N LEU B 96 -4.46 16.31 -12.51
CA LEU B 96 -4.60 14.87 -12.28
C LEU B 96 -5.52 14.30 -13.33
N THR B 97 -5.17 13.11 -13.81
CA THR B 97 -6.03 12.38 -14.73
C THR B 97 -6.48 11.08 -14.07
N VAL B 98 -7.78 10.87 -14.05
CA VAL B 98 -8.36 9.66 -13.46
C VAL B 98 -9.00 8.79 -14.55
N LYS B 99 -8.49 7.58 -14.73
CA LYS B 99 -9.06 6.63 -15.66
C LYS B 99 -9.92 5.64 -14.88
N LEU B 100 -11.20 5.56 -15.25
CA LEU B 100 -12.17 4.72 -14.55
C LEU B 100 -12.46 3.47 -15.38
N PRO B 101 -13.29 2.54 -14.86
CA PRO B 101 -13.70 1.39 -15.69
C PRO B 101 -14.56 1.82 -16.88
N ASP B 102 -14.67 0.93 -17.87
CA ASP B 102 -15.47 1.15 -19.09
C ASP B 102 -14.94 2.29 -19.98
N GLY B 103 -13.64 2.58 -19.87
CA GLY B 103 -13.03 3.61 -20.72
C GLY B 103 -13.33 5.06 -20.37
N TYR B 104 -14.00 5.29 -19.23
CA TYR B 104 -14.27 6.67 -18.81
C TYR B 104 -13.03 7.35 -18.24
N GLU B 105 -12.96 8.67 -18.37
CA GLU B 105 -11.85 9.40 -17.77
C GLU B 105 -12.17 10.87 -17.51
N PHE B 106 -11.47 11.47 -16.56
CA PHE B 106 -11.58 12.91 -16.34
C PHE B 106 -10.31 13.54 -15.78
N LYS B 107 -10.25 14.86 -15.93
CA LYS B 107 -9.19 15.66 -15.38
C LYS B 107 -9.71 16.47 -14.20
N PHE B 108 -8.82 16.66 -13.24
CA PHE B 108 -9.10 17.51 -12.11
C PHE B 108 -7.84 18.33 -11.94
N PRO B 109 -7.99 19.66 -11.79
CA PRO B 109 -6.81 20.54 -11.70
C PRO B 109 -5.94 20.19 -10.51
N ASN B 110 -4.62 20.26 -10.71
CA ASN B 110 -3.65 20.14 -9.62
C ASN B 110 -3.56 21.47 -8.87
N ARG B 111 -4.48 21.68 -7.94
CA ARG B 111 -4.59 22.94 -7.20
C ARG B 111 -3.42 23.26 -6.25
N LEU B 112 -2.71 22.24 -5.78
CA LEU B 112 -1.60 22.40 -4.84
C LEU B 112 -0.26 22.42 -5.54
N ASN B 113 -0.30 22.26 -6.87
CA ASN B 113 0.89 22.15 -7.71
C ASN B 113 1.92 21.23 -7.10
N LEU B 114 1.48 20.05 -6.67
CA LEU B 114 2.38 19.04 -6.11
C LEU B 114 3.26 18.46 -7.21
N GLU B 115 4.47 18.06 -6.84
CA GLU B 115 5.40 17.45 -7.79
C GLU B 115 5.63 15.98 -7.46
N ALA B 116 5.14 15.57 -6.29
CA ALA B 116 5.11 14.17 -5.92
C ALA B 116 3.82 13.87 -5.12
N ILE B 117 3.32 12.64 -5.25
CA ILE B 117 2.22 12.19 -4.42
C ILE B 117 2.77 11.15 -3.47
N ASN B 118 2.70 11.43 -2.17
CA ASN B 118 3.29 10.57 -1.14
C ASN B 118 2.31 9.89 -0.22
N TYR B 119 1.05 10.29 -0.30
CA TYR B 119 0.01 9.83 0.61
C TYR B 119 -1.21 9.34 -0.15
N MET B 120 -1.69 8.17 0.27
CA MET B 120 -2.94 7.62 -0.21
C MET B 120 -3.71 7.01 0.95
N ALA B 121 -5.01 7.29 1.00
CA ALA B 121 -5.91 6.73 2.00
C ALA B 121 -7.22 6.32 1.35
N ALA B 122 -7.73 5.16 1.76
CA ALA B 122 -9.06 4.70 1.36
C ALA B 122 -10.00 4.78 2.56
N ASP B 123 -11.28 5.00 2.29
CA ASP B 123 -12.31 5.03 3.33
C ASP B 123 -13.67 4.69 2.74
N GLY B 124 -14.60 4.28 3.60
CA GLY B 124 -15.96 3.95 3.18
C GLY B 124 -16.09 2.55 2.59
N ASP B 125 -17.03 2.38 1.66
CA ASP B 125 -17.43 1.05 1.22
C ASP B 125 -16.61 0.53 0.04
N PHE B 126 -15.31 0.44 0.26
CA PHE B 126 -14.36 0.04 -0.77
C PHE B 126 -13.17 -0.61 -0.09
N LYS B 127 -12.86 -1.83 -0.48
CA LYS B 127 -11.77 -2.59 0.13
C LYS B 127 -10.68 -2.89 -0.90
N ILE B 128 -9.49 -2.32 -0.68
CA ILE B 128 -8.38 -2.47 -1.61
C ILE B 128 -7.80 -3.88 -1.61
N LYS B 129 -7.71 -4.46 -2.81
CA LYS B 129 -7.07 -5.75 -3.02
C LYS B 129 -5.69 -5.58 -3.66
N CME B 130 -5.49 -4.45 -4.34
CA CME B 130 -4.29 -4.29 -5.14
CB CME B 130 -4.59 -4.92 -6.49
SG CME B 130 -3.17 -5.78 -7.03
SD CME B 130 -2.17 -4.52 -8.15
CE CME B 130 -3.00 -3.93 -9.60
CZ CME B 130 -3.83 -2.72 -9.24
OH CME B 130 -4.68 -2.40 -10.35
C CME B 130 -3.87 -2.89 -5.39
O CME B 130 -4.67 -2.06 -5.76
N VAL B 131 -2.58 -2.62 -5.19
CA VAL B 131 -1.98 -1.33 -5.52
C VAL B 131 -0.71 -1.58 -6.32
N ALA B 132 -0.64 -1.02 -7.52
CA ALA B 132 0.55 -1.16 -8.37
C ALA B 132 1.06 0.18 -8.91
N PHE B 133 2.38 0.26 -9.07
CA PHE B 133 3.01 1.44 -9.69
C PHE B 133 3.67 1.03 -11.00
N ASP B 134 3.25 1.67 -12.08
CA ASP B 134 4.01 1.69 -13.34
C ASP B 134 3.64 2.93 -14.16
C1 YIO C . 20.45 -5.35 13.85
C2 YIO C . 20.02 -4.24 12.87
C3 YIO C . 18.51 -4.04 12.95
C4 YIO C . 17.77 -5.36 12.73
C5 YIO C . 18.24 -6.34 13.81
C6 YIO C . 17.50 -7.66 13.75
O2 YIO C . 20.67 -3.02 13.19
O3 YIO C . 18.06 -3.06 12.00
O4 YIO C . 18.06 -5.87 11.43
O5 YIO C . 19.66 -6.54 13.63
O6 YIO C . 17.92 -8.50 14.83
S1 YIO C . 22.16 -5.75 13.64
C1 GAL C . 22.27 -7.02 14.86
C2 GAL C . 23.06 -8.25 14.36
C3 GAL C . 23.19 -9.28 15.48
C4 GAL C . 23.67 -8.67 16.80
C5 GAL C . 22.80 -7.46 17.14
C6 GAL C . 23.16 -6.84 18.51
O2 GAL C . 22.40 -8.86 13.24
O3 GAL C . 24.05 -10.35 15.10
O4 GAL C . 25.04 -8.26 16.67
O5 GAL C . 22.87 -6.51 16.07
O6 GAL C . 23.86 -5.59 18.36
C1 YIO D . -18.50 16.87 2.50
C2 YIO D . -18.16 15.52 3.13
C3 YIO D . -16.65 15.27 3.16
C4 YIO D . -16.05 15.50 1.78
C5 YIO D . -16.38 16.90 1.27
C6 YIO D . -15.81 17.08 -0.14
O2 YIO D . -18.74 15.44 4.44
O3 YIO D . -16.39 13.92 3.52
O4 YIO D . -16.56 14.52 0.86
O5 YIO D . -17.81 17.10 1.25
O6 YIO D . -16.08 18.40 -0.60
S1 YIO D . -20.25 16.86 2.23
C1 GAL D . -20.34 18.51 1.63
C2 GAL D . -21.37 18.61 0.50
C3 GAL D . -21.43 20.06 0.02
C4 GAL D . -21.72 20.99 1.19
C5 GAL D . -20.69 20.80 2.31
C6 GAL D . -21.00 21.69 3.51
O2 GAL D . -21.02 17.77 -0.61
O3 GAL D . -22.41 20.18 -1.01
O4 GAL D . -23.04 20.73 1.69
O5 GAL D . -20.64 19.42 2.70
O6 GAL D . -19.88 21.73 4.41
#